data_8A7I
#
_entry.id   8A7I
#
_cell.length_a   36.083
_cell.length_b   66.386
_cell.length_c   55.883
_cell.angle_alpha   90
_cell.angle_beta   105.83
_cell.angle_gamma   90
#
_symmetry.space_group_name_H-M   'P 1 21 1'
#
loop_
_entity.id
_entity.type
_entity.pdbx_description
1 polymer 'Bromodomain-containing protein 9'
2 non-polymer ~{N}-[1,1-bis(oxidanylidene)thian-4-yl]-7-[3-methyl-1-(piperidin-4-ylmethyl)indol-5-yl]-4-oxidanylidene-5-propyl-thieno[3,2-c]pyridine-2-carboxamide
3 water water
#
_entity_poly.entity_id   1
_entity_poly.type   'polypeptide(L)'
_entity_poly.pdbx_seq_one_letter_code
;GPRTQPAENESTPIQQLLEHFLRQLQRKDPHGFFAFPVTDAIAPGYSMIIKHPMDFGTMKDKIVANEYKSVTEFKADFKL
MCDNAMTYNRPDTVYYKLAKKILHAGFKMMSKQ
;
_entity_poly.pdbx_strand_id   A,B
#
# COMPACT_ATOMS: atom_id res chain seq x y z
N SER A 11 -1.86 8.04 34.33
CA SER A 11 -1.88 7.00 33.29
C SER A 11 -2.59 5.76 33.78
N THR A 12 -3.64 5.32 33.08
CA THR A 12 -4.36 4.08 33.35
C THR A 12 -3.47 2.86 32.99
N PRO A 13 -3.81 1.64 33.46
CA PRO A 13 -3.00 0.46 33.09
C PRO A 13 -2.88 0.27 31.58
N ILE A 14 -3.94 0.53 30.80
CA ILE A 14 -3.83 0.39 29.34
C ILE A 14 -2.84 1.42 28.78
N GLN A 15 -2.90 2.68 29.24
CA GLN A 15 -1.95 3.70 28.78
C GLN A 15 -0.50 3.29 29.09
N GLN A 16 -0.28 2.65 30.25
CA GLN A 16 1.03 2.20 30.64
C GLN A 16 1.56 1.10 29.72
N LEU A 17 0.76 0.07 29.42
CA LEU A 17 1.19 -1.01 28.53
C LEU A 17 1.47 -0.45 27.11
N LEU A 18 0.60 0.42 26.60
CA LEU A 18 0.77 1.01 25.26
C LEU A 18 1.99 1.90 25.15
N GLU A 19 2.31 2.68 26.20
CA GLU A 19 3.51 3.51 26.22
C GLU A 19 4.75 2.61 26.15
N HIS A 20 4.74 1.44 26.87
CA HIS A 20 5.83 0.47 26.79
C HIS A 20 5.95 -0.04 25.34
N PHE A 21 4.85 -0.51 24.72
CA PHE A 21 4.92 -1.02 23.35
C PHE A 21 5.42 0.06 22.36
N LEU A 22 4.96 1.31 22.50
CA LEU A 22 5.38 2.40 21.61
C LEU A 22 6.87 2.70 21.74
N ARG A 23 7.38 2.68 22.99
CA ARG A 23 8.81 2.90 23.22
C ARG A 23 9.63 1.78 22.57
N GLN A 24 9.17 0.54 22.70
CA GLN A 24 9.87 -0.59 22.14
C GLN A 24 9.86 -0.52 20.60
N LEU A 25 8.73 -0.13 20.01
CA LEU A 25 8.60 0.00 18.56
C LEU A 25 9.45 1.15 18.03
N GLN A 26 9.43 2.31 18.70
CA GLN A 26 10.22 3.47 18.26
C GLN A 26 11.73 3.20 18.31
N ARG A 27 12.19 2.26 19.16
CA ARG A 27 13.58 1.87 19.23
C ARG A 27 14.05 1.24 17.90
N LYS A 28 13.12 0.58 17.18
CA LYS A 28 13.43 -0.03 15.90
C LYS A 28 13.51 1.02 14.77
N ASP A 29 13.17 2.28 15.04
CA ASP A 29 13.19 3.37 14.06
C ASP A 29 14.06 4.53 14.62
N PRO A 30 15.38 4.32 14.79
CA PRO A 30 16.22 5.38 15.41
C PRO A 30 16.26 6.70 14.64
N HIS A 31 16.06 6.66 13.31
CA HIS A 31 16.11 7.89 12.52
C HIS A 31 14.75 8.58 12.31
N GLY A 32 13.69 8.07 12.94
CA GLY A 32 12.38 8.69 12.88
C GLY A 32 11.68 8.69 11.52
N PHE A 33 11.86 7.64 10.71
CA PHE A 33 11.18 7.50 9.42
C PHE A 33 9.64 7.52 9.61
N PHE A 34 9.18 6.98 10.76
CA PHE A 34 7.75 6.84 11.11
C PHE A 34 7.28 7.83 12.19
N ALA A 35 8.08 8.84 12.50
CA ALA A 35 7.79 9.74 13.61
C ALA A 35 6.78 10.83 13.30
N PHE A 36 6.48 11.07 12.02
CA PHE A 36 5.70 12.24 11.61
C PHE A 36 4.68 11.88 10.51
N PRO A 37 3.64 12.70 10.35
CA PRO A 37 2.66 12.45 9.28
C PRO A 37 3.26 12.68 7.89
N VAL A 38 3.07 11.73 6.99
CA VAL A 38 3.54 11.85 5.62
C VAL A 38 2.52 12.71 4.87
N THR A 39 2.96 13.87 4.41
CA THR A 39 2.11 14.82 3.67
C THR A 39 2.45 14.76 2.15
N ASP A 40 1.57 15.33 1.29
CA ASP A 40 1.81 15.37 -0.14
C ASP A 40 3.03 16.24 -0.50
N ALA A 41 3.35 17.23 0.34
CA ALA A 41 4.51 18.08 0.12
C ALA A 41 5.81 17.25 0.31
N ILE A 42 5.80 16.26 1.23
CA ILE A 42 6.91 15.36 1.52
C ILE A 42 6.97 14.24 0.48
N ALA A 43 5.80 13.67 0.13
CA ALA A 43 5.71 12.56 -0.79
C ALA A 43 4.58 12.80 -1.81
N PRO A 44 4.92 13.30 -3.00
CA PRO A 44 3.88 13.61 -4.00
C PRO A 44 2.89 12.48 -4.29
N GLY A 45 1.61 12.83 -4.33
CA GLY A 45 0.55 11.88 -4.61
C GLY A 45 0.20 10.94 -3.48
N TYR A 46 0.81 11.13 -2.29
CA TYR A 46 0.55 10.26 -1.14
C TYR A 46 -0.95 10.13 -0.83
N SER A 47 -1.68 11.27 -0.71
CA SER A 47 -3.11 11.27 -0.36
C SER A 47 -4.00 10.58 -1.41
N MET A 48 -3.52 10.44 -2.64
CA MET A 48 -4.28 9.75 -3.68
C MET A 48 -4.18 8.21 -3.52
N ILE A 49 -3.11 7.72 -2.85
CA ILE A 49 -2.87 6.30 -2.61
C ILE A 49 -3.27 5.87 -1.18
N ILE A 50 -2.95 6.68 -0.19
CA ILE A 50 -3.16 6.38 1.23
C ILE A 50 -4.29 7.24 1.79
N LYS A 51 -5.45 6.61 2.07
CA LYS A 51 -6.59 7.34 2.59
C LYS A 51 -6.54 7.58 4.10
N HIS A 52 -5.83 6.70 4.84
CA HIS A 52 -5.76 6.84 6.29
C HIS A 52 -4.31 6.83 6.76
N PRO A 53 -3.65 7.99 6.70
CA PRO A 53 -2.26 8.04 7.14
C PRO A 53 -2.12 7.75 8.65
N MET A 54 -0.99 7.19 9.06
CA MET A 54 -0.71 6.91 10.47
C MET A 54 0.81 6.98 10.71
N ASP A 55 1.19 7.43 11.90
CA ASP A 55 2.60 7.58 12.28
C ASP A 55 2.69 7.44 13.82
N PHE A 56 3.90 7.20 14.33
CA PHE A 56 4.17 7.03 15.76
C PHE A 56 3.79 8.27 16.59
N GLY A 57 3.96 9.46 16.01
CA GLY A 57 3.61 10.70 16.68
C GLY A 57 2.12 10.82 16.97
N THR A 58 1.28 10.48 15.97
CA THR A 58 -0.18 10.48 16.11
C THR A 58 -0.60 9.37 17.14
N MET A 59 0.09 8.22 17.13
CA MET A 59 -0.18 7.13 18.07
C MET A 59 0.15 7.55 19.50
N LYS A 60 1.28 8.25 19.67
CA LYS A 60 1.69 8.78 20.97
C LYS A 60 0.63 9.75 21.51
N ASP A 61 0.12 10.66 20.67
CA ASP A 61 -0.91 11.61 21.09
C ASP A 61 -2.19 10.88 21.50
N LYS A 62 -2.54 9.80 20.77
CA LYS A 62 -3.70 9.01 21.12
C LYS A 62 -3.54 8.29 22.48
N ILE A 63 -2.34 7.80 22.82
CA ILE A 63 -2.08 7.21 24.14
C ILE A 63 -2.25 8.29 25.21
N VAL A 64 -1.63 9.47 25.01
CA VAL A 64 -1.72 10.58 25.96
C VAL A 64 -3.17 11.06 26.17
N ALA A 65 -3.97 11.08 25.10
CA ALA A 65 -5.37 11.47 25.20
C ALA A 65 -6.30 10.33 25.68
N ASN A 66 -5.74 9.16 26.03
CA ASN A 66 -6.49 7.98 26.48
C ASN A 66 -7.51 7.54 25.44
N GLU A 67 -7.15 7.61 24.13
CA GLU A 67 -8.06 7.28 23.03
C GLU A 67 -8.04 5.81 22.61
N TYR A 68 -7.10 5.00 23.15
CA TYR A 68 -7.07 3.57 22.82
C TYR A 68 -7.82 2.78 23.89
N LYS A 69 -8.96 2.19 23.53
CA LYS A 69 -9.75 1.41 24.49
C LYS A 69 -9.19 0.00 24.72
N SER A 70 -8.30 -0.49 23.83
CA SER A 70 -7.70 -1.81 23.95
C SER A 70 -6.36 -1.88 23.19
N VAL A 71 -5.57 -2.93 23.47
CA VAL A 71 -4.34 -3.22 22.76
C VAL A 71 -4.65 -3.50 21.26
N THR A 72 -5.81 -4.13 20.95
CA THR A 72 -6.27 -4.43 19.58
C THR A 72 -6.34 -3.17 18.70
N GLU A 73 -6.83 -2.06 19.29
CA GLU A 73 -6.94 -0.79 18.58
C GLU A 73 -5.56 -0.20 18.29
N PHE A 74 -4.63 -0.36 19.24
CA PHE A 74 -3.27 0.14 19.09
C PHE A 74 -2.54 -0.66 17.98
N LYS A 75 -2.71 -2.00 17.99
CA LYS A 75 -2.13 -2.89 16.99
C LYS A 75 -2.63 -2.51 15.60
N ALA A 76 -3.93 -2.16 15.47
CA ALA A 76 -4.52 -1.75 14.17
C ALA A 76 -3.84 -0.48 13.64
N ASP A 77 -3.59 0.53 14.50
CA ASP A 77 -2.90 1.74 14.04
C ASP A 77 -1.47 1.43 13.62
N PHE A 78 -0.77 0.58 14.40
CA PHE A 78 0.59 0.20 14.06
C PHE A 78 0.62 -0.54 12.70
N LYS A 79 -0.28 -1.50 12.51
CA LYS A 79 -0.38 -2.24 11.26
C LYS A 79 -0.71 -1.32 10.09
N LEU A 80 -1.63 -0.36 10.29
CA LEU A 80 -2.00 0.62 9.27
C LEU A 80 -0.78 1.44 8.83
N MET A 81 0.02 1.93 9.79
CA MET A 81 1.23 2.71 9.50
C MET A 81 2.19 1.92 8.58
N CYS A 82 2.42 0.64 8.90
CA CYS A 82 3.31 -0.23 8.12
C CYS A 82 2.73 -0.59 6.76
N ASP A 83 1.42 -0.93 6.74
CA ASP A 83 0.71 -1.25 5.50
C ASP A 83 0.76 -0.09 4.53
N ASN A 84 0.59 1.15 5.04
CA ASN A 84 0.66 2.34 4.19
C ASN A 84 2.05 2.43 3.50
N ALA A 85 3.11 2.24 4.30
CA ALA A 85 4.49 2.30 3.79
C ALA A 85 4.76 1.21 2.76
N MET A 86 4.23 0.01 2.95
CA MET A 86 4.40 -1.07 1.99
C MET A 86 3.52 -0.95 0.74
N THR A 87 2.51 -0.06 0.75
CA THR A 87 1.65 0.15 -0.41
C THR A 87 2.23 1.27 -1.28
N TYR A 88 2.58 2.39 -0.63
CA TYR A 88 3.09 3.56 -1.32
C TYR A 88 4.52 3.39 -1.87
N ASN A 89 5.36 2.60 -1.18
CA ASN A 89 6.77 2.41 -1.53
C ASN A 89 7.09 1.07 -2.19
N ARG A 90 7.94 1.09 -3.24
CA ARG A 90 8.35 -0.12 -3.96
C ARG A 90 9.17 -1.06 -3.04
N PRO A 91 9.14 -2.39 -3.26
CA PRO A 91 9.86 -3.32 -2.38
C PRO A 91 11.38 -3.13 -2.26
N ASP A 92 12.03 -2.53 -3.26
CA ASP A 92 13.49 -2.30 -3.17
C ASP A 92 13.89 -1.12 -2.25
N THR A 93 12.92 -0.30 -1.84
CA THR A 93 13.20 0.90 -1.08
C THR A 93 13.42 0.68 0.40
N VAL A 94 14.19 1.61 1.00
CA VAL A 94 14.43 1.60 2.44
C VAL A 94 13.10 1.68 3.21
N TYR A 95 12.13 2.47 2.70
CA TYR A 95 10.84 2.69 3.35
C TYR A 95 10.05 1.39 3.48
N TYR A 96 9.96 0.66 2.40
CA TYR A 96 9.27 -0.62 2.39
C TYR A 96 9.97 -1.65 3.29
N LYS A 97 11.31 -1.78 3.16
CA LYS A 97 12.05 -2.78 3.94
C LYS A 97 11.97 -2.53 5.43
N LEU A 98 12.06 -1.27 5.84
CA LEU A 98 11.96 -0.93 7.25
C LEU A 98 10.54 -1.21 7.75
N ALA A 99 9.52 -0.83 6.96
CA ALA A 99 8.13 -1.09 7.34
C ALA A 99 7.85 -2.59 7.51
N LYS A 100 8.37 -3.42 6.64
CA LYS A 100 8.15 -4.87 6.69
C LYS A 100 8.84 -5.49 7.90
N LYS A 101 10.09 -5.03 8.16
CA LYS A 101 10.86 -5.52 9.28
C LYS A 101 10.20 -5.11 10.61
N ILE A 102 9.80 -3.85 10.76
CA ILE A 102 9.18 -3.40 12.01
C ILE A 102 7.80 -3.99 12.20
N LEU A 103 7.03 -4.20 11.12
CA LEU A 103 5.70 -4.81 11.25
C LEU A 103 5.82 -6.22 11.87
N HIS A 104 6.77 -7.04 11.38
CA HIS A 104 6.94 -8.41 11.91
C HIS A 104 7.43 -8.39 13.32
N ALA A 105 8.49 -7.60 13.59
CA ALA A 105 9.08 -7.50 14.94
C ALA A 105 8.05 -6.97 15.97
N GLY A 106 7.30 -5.95 15.59
CA GLY A 106 6.28 -5.32 16.40
C GLY A 106 5.17 -6.24 16.82
N PHE A 107 4.60 -6.98 15.86
CA PHE A 107 3.53 -7.94 16.11
C PHE A 107 4.01 -9.16 16.90
N LYS A 108 5.28 -9.52 16.75
CA LYS A 108 5.86 -10.63 17.51
C LYS A 108 5.96 -10.20 18.98
N MET A 109 6.45 -8.98 19.22
CA MET A 109 6.67 -8.38 20.54
C MET A 109 5.39 -8.15 21.34
N MET A 110 4.32 -7.69 20.68
CA MET A 110 3.05 -7.43 21.36
C MET A 110 2.15 -8.66 21.52
N SER A 111 2.62 -9.84 21.09
CA SER A 111 1.82 -11.06 21.18
C SER A 111 2.12 -11.85 22.47
N SER B 11 -10.28 -21.65 -1.62
CA SER B 11 -9.89 -20.22 -1.64
C SER B 11 -9.75 -19.70 -0.24
N THR B 12 -8.65 -19.02 0.03
CA THR B 12 -8.42 -18.42 1.34
C THR B 12 -9.17 -17.08 1.45
N PRO B 13 -9.38 -16.53 2.66
CA PRO B 13 -10.04 -15.22 2.78
C PRO B 13 -9.35 -14.12 1.98
N ILE B 14 -8.01 -14.11 1.92
CA ILE B 14 -7.30 -13.10 1.11
C ILE B 14 -7.62 -13.28 -0.37
N GLN B 15 -7.62 -14.53 -0.88
CA GLN B 15 -7.95 -14.77 -2.30
C GLN B 15 -9.38 -14.27 -2.62
N GLN B 16 -10.30 -14.47 -1.66
CA GLN B 16 -11.68 -14.05 -1.84
C GLN B 16 -11.81 -12.53 -1.96
N LEU B 17 -11.20 -11.77 -1.05
CA LEU B 17 -11.28 -10.31 -1.10
C LEU B 17 -10.63 -9.78 -2.37
N LEU B 18 -9.46 -10.33 -2.72
CA LEU B 18 -8.75 -9.88 -3.93
C LEU B 18 -9.49 -10.17 -5.21
N GLU B 19 -10.18 -11.33 -5.32
CA GLU B 19 -10.98 -11.64 -6.50
C GLU B 19 -12.10 -10.57 -6.63
N HIS B 20 -12.72 -10.21 -5.50
CA HIS B 20 -13.75 -9.17 -5.49
C HIS B 20 -13.15 -7.82 -5.97
N PHE B 21 -11.96 -7.39 -5.43
CA PHE B 21 -11.38 -6.13 -5.83
C PHE B 21 -11.04 -6.14 -7.30
N LEU B 22 -10.44 -7.24 -7.79
CA LEU B 22 -10.05 -7.33 -9.18
C LEU B 22 -11.27 -7.25 -10.13
N ARG B 23 -12.37 -7.89 -9.76
CA ARG B 23 -13.59 -7.83 -10.56
C ARG B 23 -14.09 -6.38 -10.62
N GLN B 24 -14.08 -5.70 -9.48
CA GLN B 24 -14.55 -4.33 -9.39
C GLN B 24 -13.64 -3.37 -10.17
N LEU B 25 -12.32 -3.59 -10.10
CA LEU B 25 -11.36 -2.77 -10.85
C LEU B 25 -11.48 -3.02 -12.38
N GLN B 26 -11.62 -4.29 -12.81
CA GLN B 26 -11.77 -4.60 -14.22
C GLN B 26 -13.05 -4.01 -14.83
N ARG B 27 -14.08 -3.76 -14.01
CA ARG B 27 -15.29 -3.09 -14.48
C ARG B 27 -15.00 -1.65 -14.96
N LYS B 28 -13.96 -1.01 -14.39
CA LYS B 28 -13.57 0.33 -14.81
C LYS B 28 -12.79 0.32 -16.15
N ASP B 29 -12.48 -0.86 -16.67
CA ASP B 29 -11.72 -1.03 -17.93
C ASP B 29 -12.51 -1.98 -18.87
N PRO B 30 -13.70 -1.58 -19.33
CA PRO B 30 -14.52 -2.49 -20.16
C PRO B 30 -13.87 -2.94 -21.48
N HIS B 31 -12.96 -2.13 -22.04
CA HIS B 31 -12.31 -2.49 -23.30
C HIS B 31 -10.97 -3.27 -23.14
N GLY B 32 -10.61 -3.58 -21.91
CA GLY B 32 -9.40 -4.36 -21.66
C GLY B 32 -8.07 -3.72 -21.99
N PHE B 33 -7.93 -2.41 -21.81
CA PHE B 33 -6.65 -1.71 -22.01
C PHE B 33 -5.55 -2.29 -21.10
N PHE B 34 -5.96 -2.75 -19.90
CA PHE B 34 -5.06 -3.27 -18.86
C PHE B 34 -5.16 -4.78 -18.68
N ALA B 35 -5.79 -5.49 -19.61
CA ALA B 35 -6.04 -6.92 -19.48
C ALA B 35 -4.86 -7.82 -19.81
N PHE B 36 -3.84 -7.29 -20.48
CA PHE B 36 -2.77 -8.11 -21.04
C PHE B 36 -1.38 -7.46 -20.84
N PRO B 37 -0.32 -8.28 -20.89
CA PRO B 37 1.02 -7.71 -20.78
C PRO B 37 1.37 -6.84 -22.01
N VAL B 38 1.87 -5.64 -21.76
CA VAL B 38 2.31 -4.76 -22.83
C VAL B 38 3.70 -5.25 -23.23
N THR B 39 3.82 -5.71 -24.48
CA THR B 39 5.08 -6.22 -25.04
C THR B 39 5.71 -5.16 -25.98
N ASP B 40 7.00 -5.33 -26.34
CA ASP B 40 7.67 -4.42 -27.27
C ASP B 40 7.07 -4.49 -28.67
N ALA B 41 6.50 -5.63 -29.05
CA ALA B 41 5.84 -5.79 -30.34
C ALA B 41 4.57 -4.91 -30.41
N ILE B 42 3.88 -4.74 -29.27
CA ILE B 42 2.67 -3.91 -29.14
C ILE B 42 3.05 -2.44 -28.97
N ALA B 43 4.06 -2.16 -28.14
CA ALA B 43 4.50 -0.79 -27.85
C ALA B 43 6.02 -0.70 -27.94
N PRO B 44 6.54 -0.23 -29.08
CA PRO B 44 8.01 -0.17 -29.24
C PRO B 44 8.76 0.55 -28.13
N GLY B 45 9.85 -0.05 -27.70
CA GLY B 45 10.69 0.50 -26.66
C GLY B 45 10.13 0.38 -25.25
N TYR B 46 8.99 -0.30 -25.08
CA TYR B 46 8.38 -0.43 -23.74
C TYR B 46 9.35 -0.98 -22.67
N SER B 47 10.02 -2.11 -22.96
CA SER B 47 10.95 -2.74 -22.01
C SER B 47 12.17 -1.88 -21.66
N MET B 48 12.50 -0.89 -22.49
CA MET B 48 13.60 0.02 -22.19
C MET B 48 13.19 1.09 -21.15
N ILE B 49 11.87 1.39 -21.06
CA ILE B 49 11.32 2.38 -20.14
C ILE B 49 10.72 1.74 -18.87
N ILE B 50 9.99 0.63 -19.04
CA ILE B 50 9.29 -0.05 -17.95
C ILE B 50 10.01 -1.35 -17.60
N LYS B 51 10.67 -1.39 -16.44
CA LYS B 51 11.41 -2.58 -16.04
C LYS B 51 10.52 -3.61 -15.34
N HIS B 52 9.36 -3.17 -14.75
CA HIS B 52 8.49 -4.11 -14.06
C HIS B 52 7.06 -4.02 -14.57
N PRO B 53 6.78 -4.67 -15.71
CA PRO B 53 5.43 -4.58 -16.28
C PRO B 53 4.39 -5.24 -15.37
N MET B 54 3.15 -4.78 -15.45
CA MET B 54 2.03 -5.34 -14.67
C MET B 54 0.72 -5.13 -15.43
N ASP B 55 -0.20 -6.07 -15.31
CA ASP B 55 -1.52 -6.02 -15.96
C ASP B 55 -2.51 -6.85 -15.13
N PHE B 56 -3.83 -6.64 -15.35
CA PHE B 56 -4.89 -7.33 -14.62
C PHE B 56 -4.85 -8.85 -14.81
N GLY B 57 -4.44 -9.29 -15.99
CA GLY B 57 -4.32 -10.72 -16.28
C GLY B 57 -3.29 -11.41 -15.43
N THR B 58 -2.11 -10.80 -15.27
CA THR B 58 -1.04 -11.31 -14.43
C THR B 58 -1.50 -11.29 -12.94
N MET B 59 -2.26 -10.25 -12.53
CA MET B 59 -2.77 -10.14 -11.16
C MET B 59 -3.77 -11.25 -10.89
N LYS B 60 -4.65 -11.52 -11.86
CA LYS B 60 -5.63 -12.61 -11.75
C LYS B 60 -4.93 -13.96 -11.56
N ASP B 61 -3.89 -14.23 -12.36
CA ASP B 61 -3.15 -15.49 -12.24
C ASP B 61 -2.50 -15.61 -10.88
N LYS B 62 -1.97 -14.48 -10.34
CA LYS B 62 -1.37 -14.47 -9.02
C LYS B 62 -2.40 -14.78 -7.92
N ILE B 63 -3.63 -14.27 -8.02
CA ILE B 63 -4.70 -14.60 -7.06
C ILE B 63 -4.99 -16.10 -7.13
N VAL B 64 -5.19 -16.65 -8.35
CA VAL B 64 -5.50 -18.06 -8.52
C VAL B 64 -4.38 -18.97 -7.98
N ALA B 65 -3.12 -18.56 -8.18
CA ALA B 65 -1.97 -19.34 -7.67
C ALA B 65 -1.66 -19.08 -6.19
N ASN B 66 -2.50 -18.28 -5.49
CA ASN B 66 -2.30 -17.93 -4.08
C ASN B 66 -0.93 -17.27 -3.84
N GLU B 67 -0.49 -16.41 -4.77
CA GLU B 67 0.81 -15.74 -4.68
C GLU B 67 0.80 -14.39 -3.92
N TYR B 68 -0.38 -13.89 -3.55
CA TYR B 68 -0.47 -12.66 -2.77
C TYR B 68 -0.54 -12.98 -1.26
N LYS B 69 0.51 -12.67 -0.51
CA LYS B 69 0.53 -12.92 0.93
C LYS B 69 -0.27 -11.88 1.75
N SER B 70 -0.58 -10.72 1.14
CA SER B 70 -1.35 -9.65 1.79
C SER B 70 -2.06 -8.76 0.76
N VAL B 71 -3.07 -8.01 1.19
CA VAL B 71 -3.80 -7.08 0.33
C VAL B 71 -2.85 -5.97 -0.15
N THR B 72 -1.88 -5.57 0.68
CA THR B 72 -0.94 -4.53 0.27
C THR B 72 -0.15 -4.93 -0.97
N GLU B 73 0.24 -6.21 -1.13
CA GLU B 73 0.96 -6.70 -2.30
C GLU B 73 0.13 -6.55 -3.56
N PHE B 74 -1.18 -6.84 -3.44
CA PHE B 74 -2.10 -6.65 -4.56
C PHE B 74 -2.25 -5.14 -4.91
N LYS B 75 -2.44 -4.30 -3.88
CA LYS B 75 -2.54 -2.86 -4.11
C LYS B 75 -1.28 -2.29 -4.78
N ALA B 76 -0.10 -2.80 -4.37
CA ALA B 76 1.17 -2.40 -4.97
C ALA B 76 1.23 -2.81 -6.45
N ASP B 77 0.70 -3.96 -6.81
CA ASP B 77 0.66 -4.40 -8.21
C ASP B 77 -0.26 -3.50 -9.04
N PHE B 78 -1.41 -3.16 -8.46
CA PHE B 78 -2.39 -2.27 -9.11
C PHE B 78 -1.74 -0.88 -9.34
N LYS B 79 -1.10 -0.36 -8.30
CA LYS B 79 -0.41 0.94 -8.40
C LYS B 79 0.70 0.89 -9.46
N LEU B 80 1.49 -0.20 -9.48
CA LEU B 80 2.57 -0.37 -10.44
C LEU B 80 2.03 -0.34 -11.87
N MET B 81 0.94 -1.07 -12.15
CA MET B 81 0.32 -1.11 -13.47
C MET B 81 -0.05 0.29 -13.96
N CYS B 82 -0.65 1.09 -13.08
CA CYS B 82 -1.08 2.46 -13.40
C CYS B 82 0.11 3.40 -13.57
N ASP B 83 1.09 3.29 -12.65
CA ASP B 83 2.31 4.09 -12.67
C ASP B 83 3.07 3.84 -13.98
N ASN B 84 3.13 2.58 -14.42
CA ASN B 84 3.82 2.24 -15.68
C ASN B 84 3.15 2.98 -16.86
N ALA B 85 1.81 2.94 -16.92
CA ALA B 85 1.06 3.60 -17.99
C ALA B 85 1.27 5.10 -17.98
N MET B 86 1.36 5.71 -16.79
CA MET B 86 1.60 7.15 -16.66
C MET B 86 3.06 7.56 -16.93
N THR B 87 4.00 6.60 -16.92
CA THR B 87 5.40 6.90 -17.20
C THR B 87 5.68 6.75 -18.72
N TYR B 88 5.21 5.65 -19.30
CA TYR B 88 5.44 5.36 -20.71
C TYR B 88 4.63 6.26 -21.66
N ASN B 89 3.42 6.67 -21.25
CA ASN B 89 2.51 7.46 -22.09
C ASN B 89 2.43 8.94 -21.71
N ARG B 90 2.40 9.83 -22.71
CA ARG B 90 2.30 11.27 -22.48
C ARG B 90 0.94 11.65 -21.87
N PRO B 91 0.86 12.74 -21.07
CA PRO B 91 -0.42 13.10 -20.42
C PRO B 91 -1.64 13.33 -21.31
N ASP B 92 -1.44 13.71 -22.60
CA ASP B 92 -2.57 13.93 -23.50
C ASP B 92 -3.20 12.62 -24.05
N THR B 93 -2.55 11.49 -23.84
CA THR B 93 -3.02 10.22 -24.39
C THR B 93 -4.14 9.54 -23.62
N VAL B 94 -4.93 8.74 -24.33
CA VAL B 94 -6.00 7.94 -23.74
C VAL B 94 -5.43 7.00 -22.64
N TYR B 95 -4.26 6.40 -22.88
CA TYR B 95 -3.59 5.46 -21.97
C TYR B 95 -3.30 6.14 -20.64
N TYR B 96 -2.67 7.29 -20.66
CA TYR B 96 -2.35 8.04 -19.43
C TYR B 96 -3.62 8.45 -18.68
N LYS B 97 -4.61 9.01 -19.40
CA LYS B 97 -5.83 9.48 -18.75
C LYS B 97 -6.62 8.37 -18.10
N LEU B 98 -6.70 7.21 -18.78
CA LEU B 98 -7.41 6.07 -18.21
C LEU B 98 -6.66 5.55 -16.98
N ALA B 99 -5.33 5.46 -17.07
CA ALA B 99 -4.52 4.99 -15.93
C ALA B 99 -4.68 5.89 -14.71
N LYS B 100 -4.68 7.21 -14.91
CA LYS B 100 -4.81 8.15 -13.80
C LYS B 100 -6.19 8.06 -13.15
N LYS B 101 -7.22 7.96 -13.99
CA LYS B 101 -8.59 7.86 -13.52
C LYS B 101 -8.81 6.57 -12.75
N ILE B 102 -8.36 5.41 -13.29
CA ILE B 102 -8.56 4.13 -12.59
C ILE B 102 -7.70 4.03 -11.34
N LEU B 103 -6.49 4.60 -11.33
CA LEU B 103 -5.65 4.58 -10.13
C LEU B 103 -6.35 5.25 -8.95
N HIS B 104 -6.83 6.46 -9.18
CA HIS B 104 -7.49 7.24 -8.15
C HIS B 104 -8.84 6.63 -7.77
N ALA B 105 -9.60 6.16 -8.77
CA ALA B 105 -10.90 5.51 -8.45
C ALA B 105 -10.71 4.17 -7.72
N GLY B 106 -9.70 3.40 -8.10
CA GLY B 106 -9.39 2.11 -7.52
C GLY B 106 -8.96 2.15 -6.06
N PHE B 107 -8.09 3.11 -5.70
CA PHE B 107 -7.66 3.24 -4.29
C PHE B 107 -8.82 3.76 -3.44
N LYS B 108 -9.64 4.71 -3.96
CA LYS B 108 -10.83 5.17 -3.23
C LYS B 108 -11.77 3.93 -2.92
N MET B 109 -12.09 3.14 -3.96
CA MET B 109 -12.94 1.95 -3.88
C MET B 109 -12.42 0.95 -2.86
N MET B 110 -11.11 0.65 -2.92
CA MET B 110 -10.51 -0.31 -2.02
C MET B 110 -10.41 0.17 -0.57
N SER B 111 -10.48 1.47 -0.33
CA SER B 111 -10.41 2.02 1.02
C SER B 111 -11.80 2.32 1.63
#